data_3CS3
#
_entry.id   3CS3
#
_cell.length_a   93.250
_cell.length_b   93.250
_cell.length_c   158.020
_cell.angle_alpha   90.00
_cell.angle_beta   90.00
_cell.angle_gamma   120.00
#
_symmetry.space_group_name_H-M   'P 65 2 2'
#
loop_
_entity.id
_entity.type
_entity.pdbx_description
1 polymer 'Sugar-binding transcriptional regulator, LacI family'
2 non-polymer 'SULFATE ION'
3 non-polymer GLYCEROL
4 water water
#
_entity_poly.entity_id   1
_entity_poly.type   'polypeptide(L)'
_entity_poly.pdbx_seq_one_letter_code
;MSLKRRQTNIIGVYLADYGGSFYGELLEGIKKGLALFDYEMIVCSGKKSHLFIPEKMVDGAIILDWTFPTKEIEKFAERG
HSIVVLDRTTEHRNIRQVLLDNRGGATQAIEQFVNVGSKKVLLLSGPEKGYDSQERLAVSTRELTRFGIPYEIIQGDFTE
PSGYAAAKKILSQPQTEPVDVFAFNDEMAIGVYKYVAETNYQMGKDIRIIGFDNSELGAFVQPRLATIAYSKHRWGMVAA
EKIIHLMRGEAAESEHIYTRFIEGESFPSEGHHHHHH
;
_entity_poly.pdbx_strand_id   A
#
loop_
_chem_comp.id
_chem_comp.type
_chem_comp.name
_chem_comp.formula
GOL non-polymer GLYCEROL 'C3 H8 O3'
SO4 non-polymer 'SULFATE ION' 'O4 S -2'
#
# COMPACT_ATOMS: atom_id res chain seq x y z
N LYS A 4 -22.60 16.77 15.48
CA LYS A 4 -23.79 16.90 16.38
C LYS A 4 -25.04 17.21 15.57
N ARG A 5 -25.02 18.34 14.86
CA ARG A 5 -26.20 18.88 14.19
C ARG A 5 -26.56 18.23 12.85
N ARG A 6 -25.74 17.29 12.40
CA ARG A 6 -25.94 16.67 11.09
C ARG A 6 -25.63 15.18 11.11
N GLN A 7 -26.45 14.42 10.40
CA GLN A 7 -26.11 13.05 10.07
C GLN A 7 -26.51 12.82 8.62
N THR A 8 -25.51 12.78 7.75
CA THR A 8 -25.72 12.71 6.30
C THR A 8 -25.69 11.28 5.78
N ASN A 9 -25.35 10.34 6.68
CA ASN A 9 -24.99 8.96 6.37
CA ASN A 9 -25.07 8.94 6.33
C ASN A 9 -24.06 8.75 5.16
N ILE A 10 -23.06 9.63 5.08
CA ILE A 10 -22.03 9.59 4.05
C ILE A 10 -20.63 9.59 4.67
N ILE A 11 -19.80 8.64 4.23
CA ILE A 11 -18.40 8.60 4.63
C ILE A 11 -17.55 9.11 3.47
N GLY A 12 -16.66 10.07 3.75
CA GLY A 12 -15.68 10.53 2.77
C GLY A 12 -14.47 9.61 2.76
N VAL A 13 -14.10 9.12 1.58
CA VAL A 13 -12.95 8.24 1.45
C VAL A 13 -11.86 8.99 0.67
N TYR A 14 -10.74 9.24 1.33
CA TYR A 14 -9.67 10.03 0.74
C TYR A 14 -8.52 9.16 0.27
N LEU A 15 -8.43 9.01 -1.05
CA LEU A 15 -7.41 8.17 -1.69
C LEU A 15 -6.35 9.03 -2.34
N ALA A 16 -5.20 8.43 -2.62
CA ALA A 16 -4.05 9.13 -3.18
C ALA A 16 -3.95 9.03 -4.70
N ASP A 17 -4.66 8.05 -5.26
CA ASP A 17 -4.59 7.69 -6.69
C ASP A 17 -3.21 7.29 -7.24
N TYR A 18 -2.47 6.52 -6.44
CA TYR A 18 -1.55 5.56 -7.00
C TYR A 18 -2.28 4.21 -7.02
N GLY A 19 -2.70 3.75 -5.85
CA GLY A 19 -3.12 2.38 -5.60
C GLY A 19 -4.35 1.81 -6.29
N GLY A 20 -4.62 2.25 -7.52
CA GLY A 20 -5.73 1.77 -8.34
C GLY A 20 -5.65 0.30 -8.69
N SER A 21 -4.51 -0.31 -8.36
CA SER A 21 -4.29 -1.74 -8.51
C SER A 21 -4.96 -2.50 -7.35
N PHE A 22 -5.28 -1.81 -6.26
CA PHE A 22 -6.03 -2.42 -5.17
C PHE A 22 -7.30 -1.65 -4.76
N TYR A 23 -7.45 -0.42 -5.28
CA TYR A 23 -8.55 0.47 -4.88
C TYR A 23 -9.93 -0.09 -5.13
N GLY A 24 -10.12 -0.66 -6.33
CA GLY A 24 -11.41 -1.20 -6.73
C GLY A 24 -12.00 -2.19 -5.76
N GLU A 25 -11.16 -3.11 -5.28
CA GLU A 25 -11.60 -4.16 -4.36
C GLU A 25 -11.61 -3.68 -2.90
N LEU A 26 -10.80 -2.67 -2.61
CA LEU A 26 -10.84 -1.98 -1.32
C LEU A 26 -12.14 -1.17 -1.18
N LEU A 27 -12.45 -0.37 -2.20
CA LEU A 27 -13.69 0.40 -2.29
C LEU A 27 -14.96 -0.44 -2.25
N GLU A 28 -14.94 -1.62 -2.87
CA GLU A 28 -16.07 -2.55 -2.87
CA GLU A 28 -16.12 -2.49 -2.85
C GLU A 28 -16.33 -3.10 -1.48
N GLY A 29 -15.25 -3.33 -0.74
CA GLY A 29 -15.33 -3.79 0.63
C GLY A 29 -15.85 -2.71 1.58
N ILE A 30 -15.40 -1.48 1.37
CA ILE A 30 -15.91 -0.32 2.10
C ILE A 30 -17.43 -0.18 1.85
N LYS A 31 -17.81 -0.14 0.57
CA LYS A 31 -19.20 -0.07 0.14
C LYS A 31 -20.12 -1.10 0.80
N LYS A 32 -19.70 -2.37 0.76
CA LYS A 32 -20.49 -3.47 1.31
CA LYS A 32 -20.47 -3.48 1.30
C LYS A 32 -20.63 -3.38 2.82
N GLY A 33 -19.56 -2.96 3.49
CA GLY A 33 -19.56 -2.82 4.94
C GLY A 33 -20.43 -1.66 5.40
N LEU A 34 -20.41 -0.57 4.61
CA LEU A 34 -21.20 0.62 4.93
C LEU A 34 -22.69 0.44 4.63
N ALA A 35 -23.01 -0.30 3.56
CA ALA A 35 -24.40 -0.53 3.15
C ALA A 35 -25.23 -1.26 4.21
N LEU A 36 -24.58 -2.15 4.96
CA LEU A 36 -25.21 -2.89 6.06
C LEU A 36 -25.74 -1.97 7.16
N PHE A 37 -25.09 -0.82 7.31
CA PHE A 37 -25.49 0.19 8.27
C PHE A 37 -26.17 1.40 7.61
N ASP A 38 -26.65 1.20 6.37
CA ASP A 38 -27.29 2.23 5.55
C ASP A 38 -26.44 3.48 5.33
N TYR A 39 -25.12 3.30 5.23
CA TYR A 39 -24.21 4.39 4.92
C TYR A 39 -23.76 4.29 3.47
N GLU A 40 -23.37 5.43 2.93
CA GLU A 40 -22.81 5.49 1.58
C GLU A 40 -21.48 6.21 1.60
N MET A 41 -20.77 6.16 0.47
CA MET A 41 -19.43 6.69 0.43
C MET A 41 -19.20 7.61 -0.76
N ILE A 42 -18.42 8.66 -0.54
CA ILE A 42 -17.86 9.41 -1.65
C ILE A 42 -16.35 9.32 -1.61
N VAL A 43 -15.73 9.26 -2.78
CA VAL A 43 -14.30 9.10 -2.89
C VAL A 43 -13.71 10.39 -3.44
N CYS A 44 -12.68 10.90 -2.77
CA CYS A 44 -11.98 12.09 -3.20
C CYS A 44 -10.49 11.85 -3.33
N SER A 45 -9.90 12.43 -4.37
CA SER A 45 -8.47 12.23 -4.63
C SER A 45 -7.83 13.48 -5.22
N GLY A 46 -6.55 13.66 -4.94
CA GLY A 46 -5.83 14.83 -5.43
C GLY A 46 -4.96 15.46 -4.36
N LYS A 47 -3.99 16.27 -4.80
CA LYS A 47 -3.05 16.95 -3.90
C LYS A 47 -3.71 18.00 -3.00
N LYS A 48 -4.81 18.56 -3.48
CA LYS A 48 -5.51 19.64 -2.78
C LYS A 48 -6.85 19.19 -2.21
N SER A 49 -7.08 17.88 -2.18
CA SER A 49 -8.38 17.31 -1.77
C SER A 49 -8.70 17.48 -0.28
N HIS A 50 -7.66 17.63 0.54
CA HIS A 50 -7.81 17.85 1.98
C HIS A 50 -8.16 19.30 2.33
N LEU A 51 -7.94 20.22 1.39
CA LEU A 51 -8.24 21.64 1.59
C LEU A 51 -9.75 21.91 1.60
N PHE A 52 -10.50 21.13 0.83
CA PHE A 52 -11.96 21.21 0.84
C PHE A 52 -12.60 19.90 1.25
N ILE A 53 -12.69 19.71 2.56
CA ILE A 53 -13.46 18.65 3.14
C ILE A 53 -14.86 19.21 3.39
N PRO A 54 -15.89 18.65 2.72
CA PRO A 54 -17.28 19.01 3.02
C PRO A 54 -17.72 18.49 4.40
N GLU A 55 -17.30 19.20 5.45
CA GLU A 55 -17.49 18.77 6.83
C GLU A 55 -18.95 18.93 7.28
N LYS A 56 -19.70 19.76 6.56
CA LYS A 56 -21.13 19.94 6.77
C LYS A 56 -21.93 18.99 5.88
N MET A 57 -21.26 17.99 5.31
CA MET A 57 -21.88 17.08 4.34
C MET A 57 -21.37 15.63 4.43
N VAL A 58 -20.39 15.40 5.30
CA VAL A 58 -19.80 14.08 5.49
C VAL A 58 -19.69 13.75 6.98
N ASP A 59 -20.16 12.56 7.36
CA ASP A 59 -20.17 12.14 8.77
C ASP A 59 -18.78 11.81 9.30
N GLY A 60 -18.00 11.08 8.51
CA GLY A 60 -16.69 10.60 8.92
C GLY A 60 -15.80 10.29 7.73
N ALA A 61 -14.52 10.00 8.00
CA ALA A 61 -13.57 9.78 6.92
C ALA A 61 -12.79 8.49 7.05
N ILE A 62 -12.51 7.88 5.90
CA ILE A 62 -11.54 6.79 5.79
C ILE A 62 -10.40 7.31 4.92
N ILE A 63 -9.18 7.34 5.47
CA ILE A 63 -8.04 7.96 4.79
C ILE A 63 -6.96 6.95 4.36
N LEU A 64 -6.71 6.91 3.06
CA LEU A 64 -5.54 6.23 2.52
C LEU A 64 -4.85 7.18 1.53
N ASP A 65 -4.06 8.11 2.06
CA ASP A 65 -3.41 9.15 1.28
C ASP A 65 -2.30 9.77 2.11
N TRP A 66 -1.04 9.51 1.72
CA TRP A 66 0.13 9.99 2.46
C TRP A 66 0.34 11.51 2.36
N THR A 67 -0.25 12.13 1.34
CA THR A 67 -0.18 13.59 1.17
C THR A 67 -1.22 14.35 2.00
N PHE A 68 -2.20 13.62 2.53
CA PHE A 68 -3.17 14.18 3.48
C PHE A 68 -2.43 14.34 4.81
N PRO A 69 -2.20 15.61 5.23
CA PRO A 69 -1.35 15.87 6.40
C PRO A 69 -2.02 15.48 7.70
N THR A 70 -1.25 14.87 8.60
CA THR A 70 -1.73 14.39 9.91
C THR A 70 -2.37 15.49 10.73
N LYS A 71 -1.77 16.67 10.74
CA LYS A 71 -2.32 17.84 11.45
C LYS A 71 -3.73 18.24 10.97
N GLU A 72 -3.96 18.12 9.67
CA GLU A 72 -5.30 18.29 9.09
C GLU A 72 -6.28 17.20 9.53
N ILE A 73 -5.77 15.98 9.73
CA ILE A 73 -6.60 14.85 10.19
C ILE A 73 -7.04 15.08 11.63
N GLU A 74 -6.10 15.45 12.50
CA GLU A 74 -6.39 15.81 13.89
C GLU A 74 -7.43 16.94 14.04
N LYS A 75 -7.31 17.99 13.23
CA LYS A 75 -8.24 19.13 13.24
C LYS A 75 -9.67 18.73 12.86
N PHE A 76 -9.77 17.79 11.92
CA PHE A 76 -11.05 17.24 11.48
C PHE A 76 -11.65 16.33 12.55
N ALA A 77 -10.78 15.68 13.34
CA ALA A 77 -11.19 14.80 14.42
C ALA A 77 -11.71 15.56 15.65
N GLU A 78 -11.10 16.70 15.93
CA GLU A 78 -11.45 17.55 17.07
C GLU A 78 -12.78 18.29 16.88
N ARG A 79 -13.21 18.44 15.62
CA ARG A 79 -14.52 19.01 15.29
C ARG A 79 -15.65 17.97 15.28
N GLY A 80 -15.45 16.84 15.96
CA GLY A 80 -16.49 15.85 16.16
C GLY A 80 -16.59 14.72 15.14
N HIS A 81 -15.80 14.80 14.06
CA HIS A 81 -15.81 13.77 13.02
C HIS A 81 -14.93 12.59 13.37
N SER A 82 -15.43 11.38 13.11
CA SER A 82 -14.69 10.15 13.34
C SER A 82 -13.84 9.81 12.13
N ILE A 83 -12.62 9.32 12.36
CA ILE A 83 -11.70 9.00 11.27
C ILE A 83 -11.04 7.62 11.42
N VAL A 84 -11.01 6.85 10.34
CA VAL A 84 -10.18 5.65 10.28
C VAL A 84 -9.03 5.86 9.29
N VAL A 85 -7.80 5.71 9.79
CA VAL A 85 -6.62 5.82 8.94
C VAL A 85 -6.13 4.44 8.51
N LEU A 86 -5.73 4.35 7.24
CA LEU A 86 -5.28 3.10 6.65
C LEU A 86 -3.81 3.20 6.27
N ASP A 87 -3.19 4.32 6.63
CA ASP A 87 -1.90 4.69 6.07
C ASP A 87 -0.86 5.17 7.08
N ARG A 88 -1.26 5.25 8.36
CA ARG A 88 -0.42 5.81 9.43
C ARG A 88 -0.91 5.40 10.81
N THR A 89 -0.07 5.61 11.82
CA THR A 89 -0.46 5.36 13.21
C THR A 89 -0.89 6.64 13.89
N THR A 90 -1.69 6.50 14.94
CA THR A 90 -2.27 7.63 15.63
C THR A 90 -2.46 7.30 17.11
N GLU A 91 -2.62 8.34 17.92
CA GLU A 91 -2.89 8.17 19.35
C GLU A 91 -4.06 9.06 19.76
N HIS A 92 -4.49 9.88 18.81
CA HIS A 92 -5.58 10.83 19.00
C HIS A 92 -6.91 10.12 19.19
N ARG A 93 -7.77 10.69 20.03
CA ARG A 93 -9.13 10.19 20.19
C ARG A 93 -9.95 10.54 18.95
N ASN A 94 -10.96 9.74 18.67
CA ASN A 94 -11.76 9.81 17.43
C ASN A 94 -11.09 9.28 16.17
N ILE A 95 -9.86 8.75 16.31
CA ILE A 95 -9.16 8.14 15.18
C ILE A 95 -8.79 6.69 15.50
N ARG A 96 -9.02 5.79 14.54
CA ARG A 96 -8.57 4.40 14.64
C ARG A 96 -7.75 4.01 13.43
N GLN A 97 -7.05 2.88 13.52
CA GLN A 97 -6.16 2.41 12.45
C GLN A 97 -6.57 1.06 11.94
N VAL A 98 -6.64 0.91 10.62
CA VAL A 98 -6.69 -0.42 9.99
C VAL A 98 -5.54 -0.51 9.00
N LEU A 99 -4.43 -1.08 9.44
CA LEU A 99 -3.17 -1.02 8.70
C LEU A 99 -2.76 -2.37 8.13
N LEU A 100 -2.00 -2.34 7.04
CA LEU A 100 -1.38 -3.56 6.54
C LEU A 100 -0.26 -3.98 7.49
N ASP A 101 -0.07 -5.28 7.63
CA ASP A 101 1.09 -5.82 8.30
C ASP A 101 2.31 -5.69 7.40
N ASN A 102 2.90 -4.49 7.40
CA ASN A 102 4.05 -4.16 6.56
C ASN A 102 5.30 -4.90 6.98
N ARG A 103 5.45 -5.12 8.29
CA ARG A 103 6.60 -5.83 8.85
C ARG A 103 6.59 -7.32 8.48
N GLY A 104 5.42 -7.95 8.55
CA GLY A 104 5.30 -9.34 8.13
C GLY A 104 5.38 -9.52 6.62
N GLY A 105 4.85 -8.55 5.87
CA GLY A 105 4.91 -8.57 4.42
C GLY A 105 6.32 -8.40 3.86
N ALA A 106 7.04 -7.41 4.39
CA ALA A 106 8.41 -7.16 3.97
C ALA A 106 9.34 -8.29 4.41
N THR A 107 9.09 -8.88 5.58
CA THR A 107 9.86 -10.03 6.07
C THR A 107 9.69 -11.24 5.15
N GLN A 108 8.45 -11.49 4.72
CA GLN A 108 8.17 -12.59 3.81
C GLN A 108 8.78 -12.42 2.43
N ALA A 109 8.87 -11.17 1.96
CA ALA A 109 9.48 -10.89 0.66
C ALA A 109 11.00 -10.97 0.73
N ILE A 110 11.57 -10.37 1.77
CA ILE A 110 13.00 -10.27 1.90
C ILE A 110 13.65 -11.62 2.29
N GLU A 111 12.83 -12.51 2.86
CA GLU A 111 13.21 -13.89 3.18
C GLU A 111 13.50 -14.67 1.91
N GLN A 112 12.82 -14.33 0.82
CA GLN A 112 12.98 -15.01 -0.44
C GLN A 112 14.31 -14.64 -1.10
N PHE A 113 14.74 -13.40 -0.91
CA PHE A 113 16.06 -12.96 -1.40
C PHE A 113 17.18 -13.63 -0.63
N VAL A 114 17.02 -13.76 0.69
CA VAL A 114 17.94 -14.51 1.54
C VAL A 114 18.02 -15.97 1.09
N ASN A 115 16.88 -16.65 1.03
CA ASN A 115 16.80 -18.08 0.69
C ASN A 115 17.39 -18.46 -0.66
N VAL A 116 17.47 -17.49 -1.57
CA VAL A 116 18.05 -17.69 -2.90
C VAL A 116 19.54 -17.29 -2.93
N GLY A 117 20.01 -16.66 -1.85
CA GLY A 117 21.40 -16.22 -1.75
C GLY A 117 21.75 -15.00 -2.58
N SER A 118 20.92 -13.96 -2.47
CA SER A 118 21.13 -12.71 -3.21
CA SER A 118 21.13 -12.71 -3.21
C SER A 118 22.43 -12.03 -2.84
N LYS A 119 23.09 -11.46 -3.83
CA LYS A 119 24.36 -10.77 -3.64
C LYS A 119 24.18 -9.28 -3.37
N LYS A 120 23.08 -8.74 -3.87
CA LYS A 120 22.66 -7.36 -3.58
C LYS A 120 21.15 -7.27 -3.84
N VAL A 121 20.46 -6.52 -2.99
CA VAL A 121 19.03 -6.31 -3.17
C VAL A 121 18.76 -4.83 -3.39
N LEU A 122 18.06 -4.50 -4.46
CA LEU A 122 17.68 -3.12 -4.73
C LEU A 122 16.27 -2.89 -4.18
N LEU A 123 16.14 -1.90 -3.29
CA LEU A 123 14.89 -1.64 -2.60
C LEU A 123 14.20 -0.43 -3.20
N LEU A 124 13.24 -0.70 -4.09
CA LEU A 124 12.46 0.35 -4.72
C LEU A 124 11.31 0.73 -3.79
N SER A 125 11.48 1.84 -3.09
CA SER A 125 10.56 2.24 -2.06
C SER A 125 9.54 3.23 -2.59
N GLY A 126 8.49 3.47 -1.80
CA GLY A 126 7.58 4.57 -2.04
C GLY A 126 8.09 5.82 -1.34
N PRO A 127 7.19 6.78 -1.06
CA PRO A 127 7.52 8.05 -0.40
C PRO A 127 8.12 7.82 0.98
N GLU A 128 9.22 8.51 1.28
CA GLU A 128 9.96 8.27 2.50
C GLU A 128 9.25 8.78 3.75
N LYS A 129 8.37 9.77 3.59
CA LYS A 129 7.58 10.27 4.71
C LYS A 129 6.32 9.41 4.94
N GLY A 130 5.99 8.55 3.95
CA GLY A 130 4.88 7.62 4.04
C GLY A 130 5.18 6.43 4.93
N TYR A 131 4.29 6.19 5.89
CA TYR A 131 4.44 5.16 6.93
C TYR A 131 4.68 3.73 6.42
N ASP A 132 3.95 3.35 5.37
CA ASP A 132 3.99 2.00 4.83
C ASP A 132 5.35 1.64 4.27
N SER A 133 5.97 2.61 3.60
CA SER A 133 7.31 2.46 3.06
C SER A 133 8.36 2.45 4.17
N GLN A 134 8.19 3.31 5.18
CA GLN A 134 9.05 3.37 6.37
C GLN A 134 9.16 2.03 7.10
N GLU A 135 8.00 1.43 7.36
CA GLU A 135 7.92 0.12 8.02
C GLU A 135 8.54 -0.98 7.16
N ARG A 136 8.25 -0.94 5.86
CA ARG A 136 8.77 -1.92 4.90
C ARG A 136 10.28 -1.81 4.80
N LEU A 137 10.78 -0.57 4.80
CA LEU A 137 12.21 -0.29 4.77
C LEU A 137 12.93 -0.72 6.05
N ALA A 138 12.33 -0.41 7.20
CA ALA A 138 12.94 -0.73 8.51
C ALA A 138 13.15 -2.22 8.71
N VAL A 139 12.24 -3.02 8.16
CA VAL A 139 12.29 -4.47 8.29
C VAL A 139 13.18 -5.11 7.22
N SER A 140 13.13 -4.56 6.00
CA SER A 140 13.94 -5.02 4.88
C SER A 140 15.43 -4.84 5.15
N THR A 141 15.82 -3.62 5.53
CA THR A 141 17.21 -3.27 5.82
C THR A 141 17.76 -4.05 7.03
N ARG A 142 16.95 -4.22 8.07
CA ARG A 142 17.32 -5.01 9.25
C ARG A 142 17.65 -6.47 8.90
N GLU A 143 16.79 -7.10 8.10
CA GLU A 143 17.00 -8.51 7.72
C GLU A 143 18.13 -8.70 6.72
N LEU A 144 18.34 -7.73 5.84
CA LEU A 144 19.43 -7.79 4.87
C LEU A 144 20.79 -7.64 5.56
N THR A 145 20.84 -6.72 6.52
CA THR A 145 22.00 -6.55 7.40
C THR A 145 22.30 -7.83 8.17
N ARG A 146 21.26 -8.38 8.80
CA ARG A 146 21.33 -9.62 9.58
C ARG A 146 21.97 -10.77 8.80
N PHE A 147 21.65 -10.87 7.51
CA PHE A 147 22.15 -11.96 6.69
C PHE A 147 23.33 -11.56 5.79
N GLY A 148 23.85 -10.35 5.99
CA GLY A 148 25.06 -9.89 5.32
C GLY A 148 24.88 -9.55 3.86
N ILE A 149 23.66 -9.20 3.48
CA ILE A 149 23.33 -8.85 2.10
C ILE A 149 23.30 -7.33 1.94
N PRO A 150 24.14 -6.80 1.02
CA PRO A 150 24.14 -5.39 0.65
C PRO A 150 22.83 -4.95 0.01
N TYR A 151 22.55 -3.65 0.12
CA TYR A 151 21.36 -3.08 -0.48
C TYR A 151 21.56 -1.65 -0.95
N GLU A 152 20.74 -1.25 -1.91
CA GLU A 152 20.60 0.14 -2.31
C GLU A 152 19.12 0.50 -2.25
N ILE A 153 18.82 1.66 -1.66
CA ILE A 153 17.46 2.17 -1.58
C ILE A 153 17.23 3.17 -2.72
N ILE A 154 16.23 2.88 -3.55
CA ILE A 154 15.87 3.75 -4.66
C ILE A 154 14.50 4.34 -4.43
N GLN A 155 14.46 5.67 -4.39
CA GLN A 155 13.24 6.42 -4.08
C GLN A 155 12.24 6.41 -5.23
N GLY A 156 11.00 6.05 -4.91
CA GLY A 156 9.87 6.12 -5.83
C GLY A 156 8.71 6.79 -5.12
N ASP A 157 7.51 6.69 -5.68
CA ASP A 157 6.34 7.36 -5.09
C ASP A 157 5.06 6.52 -5.14
N PHE A 158 5.25 5.21 -5.23
CA PHE A 158 4.18 4.19 -5.35
C PHE A 158 3.49 4.13 -6.72
N THR A 159 3.81 5.08 -7.61
CA THR A 159 3.20 5.12 -8.93
C THR A 159 4.08 4.41 -9.94
N GLU A 160 3.46 3.94 -11.02
CA GLU A 160 4.13 3.26 -12.12
C GLU A 160 5.25 4.05 -12.87
N PRO A 161 5.03 5.36 -13.17
CA PRO A 161 6.13 6.18 -13.72
C PRO A 161 7.46 6.18 -12.95
N SER A 162 7.38 6.13 -11.61
CA SER A 162 8.59 6.09 -10.77
C SER A 162 9.31 4.75 -10.83
N GLY A 163 8.54 3.68 -11.05
CA GLY A 163 9.12 2.35 -11.25
C GLY A 163 9.85 2.26 -12.57
N TYR A 164 9.30 2.94 -13.59
CA TYR A 164 9.91 3.03 -14.91
C TYR A 164 11.24 3.77 -14.86
N ALA A 165 11.22 4.95 -14.24
CA ALA A 165 12.40 5.79 -14.04
C ALA A 165 13.48 5.10 -13.21
N ALA A 166 13.05 4.35 -12.20
CA ALA A 166 13.97 3.55 -11.37
C ALA A 166 14.70 2.50 -12.18
N ALA A 167 13.96 1.77 -13.01
CA ALA A 167 14.54 0.73 -13.88
C ALA A 167 15.55 1.30 -14.88
N LYS A 168 15.29 2.52 -15.35
CA LYS A 168 16.22 3.22 -16.25
C LYS A 168 17.50 3.61 -15.50
N LYS A 169 17.35 4.02 -14.24
CA LYS A 169 18.48 4.37 -13.38
C LYS A 169 19.29 3.14 -12.98
N ILE A 170 18.59 2.04 -12.65
CA ILE A 170 19.21 0.77 -12.26
C ILE A 170 20.05 0.18 -13.39
N LEU A 171 19.46 0.09 -14.58
CA LEU A 171 20.07 -0.63 -15.70
C LEU A 171 21.04 0.22 -16.52
N SER A 172 21.34 1.42 -16.04
CA SER A 172 22.42 2.24 -16.57
C SER A 172 23.73 1.85 -15.89
N GLN A 173 23.75 1.92 -14.55
CA GLN A 173 24.90 1.53 -13.75
C GLN A 173 25.12 0.01 -13.75
N PRO A 174 26.40 -0.43 -13.79
CA PRO A 174 26.71 -1.86 -13.73
C PRO A 174 26.29 -2.47 -12.39
N GLN A 175 25.43 -3.49 -12.47
CA GLN A 175 24.91 -4.17 -11.29
C GLN A 175 25.43 -5.61 -11.24
N THR A 176 25.00 -6.37 -10.23
CA THR A 176 25.40 -7.77 -10.05
C THR A 176 24.73 -8.66 -11.12
N GLU A 177 25.15 -9.93 -11.20
CA GLU A 177 24.81 -10.82 -12.32
C GLU A 177 23.29 -10.96 -12.57
N PRO A 178 22.52 -11.45 -11.58
CA PRO A 178 21.11 -11.04 -11.64
C PRO A 178 20.85 -9.77 -10.82
N VAL A 179 20.02 -8.88 -11.36
CA VAL A 179 19.58 -7.69 -10.62
C VAL A 179 18.37 -8.05 -9.77
N ASP A 180 18.52 -7.99 -8.45
CA ASP A 180 17.45 -8.36 -7.54
C ASP A 180 16.74 -7.13 -6.99
N VAL A 181 15.44 -7.05 -7.24
CA VAL A 181 14.63 -5.89 -6.88
C VAL A 181 13.45 -6.27 -5.97
N PHE A 182 13.33 -5.57 -4.85
CA PHE A 182 12.11 -5.61 -4.06
C PHE A 182 11.39 -4.29 -4.28
N ALA A 183 10.33 -4.35 -5.08
CA ALA A 183 9.48 -3.20 -5.35
C ALA A 183 8.43 -3.13 -4.25
N PHE A 184 8.25 -1.96 -3.67
CA PHE A 184 7.41 -1.83 -2.47
C PHE A 184 5.92 -1.83 -2.79
N ASN A 185 5.58 -1.61 -4.06
CA ASN A 185 4.29 -2.04 -4.60
C ASN A 185 4.34 -2.59 -6.02
N ASP A 186 3.26 -3.28 -6.41
CA ASP A 186 3.10 -3.91 -7.71
C ASP A 186 3.13 -2.92 -8.88
N GLU A 187 2.64 -1.71 -8.65
CA GLU A 187 2.62 -0.69 -9.69
C GLU A 187 4.00 -0.21 -10.09
N MET A 188 4.88 -0.01 -9.11
CA MET A 188 6.29 0.30 -9.38
C MET A 188 6.97 -0.88 -10.08
N ALA A 189 6.61 -2.11 -9.69
CA ALA A 189 7.10 -3.32 -10.35
C ALA A 189 6.65 -3.42 -11.80
N ILE A 190 5.40 -3.04 -12.09
CA ILE A 190 4.87 -3.00 -13.46
C ILE A 190 5.64 -1.97 -14.30
N GLY A 191 5.95 -0.83 -13.69
CA GLY A 191 6.85 0.16 -14.29
C GLY A 191 8.21 -0.39 -14.66
N VAL A 192 8.74 -1.29 -13.83
CA VAL A 192 10.00 -1.98 -14.13
C VAL A 192 9.84 -2.91 -15.34
N TYR A 193 8.74 -3.68 -15.36
CA TYR A 193 8.37 -4.51 -16.53
C TYR A 193 8.35 -3.71 -17.83
N LYS A 194 7.73 -2.52 -17.79
CA LYS A 194 7.65 -1.62 -18.94
C LYS A 194 9.00 -1.30 -19.57
N TYR A 195 9.95 -0.86 -18.75
CA TYR A 195 11.29 -0.51 -19.23
C TYR A 195 12.10 -1.71 -19.71
N VAL A 196 11.97 -2.84 -19.01
CA VAL A 196 12.68 -4.07 -19.37
C VAL A 196 12.20 -4.65 -20.71
N ALA A 197 10.93 -4.38 -21.03
CA ALA A 197 10.36 -4.72 -22.33
C ALA A 197 11.00 -3.92 -23.48
N GLU A 198 11.61 -2.79 -23.15
CA GLU A 198 12.34 -1.98 -24.12
C GLU A 198 13.85 -2.28 -24.13
N THR A 199 14.26 -3.34 -23.45
CA THR A 199 15.67 -3.73 -23.38
C THR A 199 15.90 -5.21 -23.73
N ASN A 200 17.17 -5.60 -23.77
CA ASN A 200 17.57 -6.98 -24.03
CA ASN A 200 17.56 -6.99 -24.04
C ASN A 200 17.47 -7.88 -22.80
N TYR A 201 17.12 -7.27 -21.66
CA TYR A 201 16.99 -7.98 -20.38
C TYR A 201 15.76 -8.87 -20.34
N GLN A 202 15.90 -10.00 -19.66
CA GLN A 202 14.82 -10.98 -19.51
C GLN A 202 14.35 -10.97 -18.06
N MET A 203 13.04 -10.73 -17.88
CA MET A 203 12.43 -10.72 -16.55
C MET A 203 12.41 -12.13 -15.95
N GLY A 204 12.85 -12.23 -14.69
CA GLY A 204 12.95 -13.52 -14.01
C GLY A 204 14.34 -14.14 -14.10
N LYS A 205 15.05 -13.84 -15.19
CA LYS A 205 16.39 -14.37 -15.43
C LYS A 205 17.47 -13.32 -15.13
N ASP A 206 17.46 -12.23 -15.89
CA ASP A 206 18.47 -11.17 -15.77
C ASP A 206 18.13 -10.18 -14.68
N ILE A 207 16.83 -10.00 -14.46
CA ILE A 207 16.32 -9.12 -13.41
C ILE A 207 15.20 -9.83 -12.66
N ARG A 208 15.42 -10.06 -11.37
CA ARG A 208 14.46 -10.78 -10.53
C ARG A 208 13.74 -9.81 -9.61
N ILE A 209 12.40 -9.90 -9.59
CA ILE A 209 11.57 -8.92 -8.87
C ILE A 209 10.51 -9.54 -7.97
N ILE A 210 10.30 -8.93 -6.80
CA ILE A 210 9.15 -9.22 -5.94
C ILE A 210 8.44 -7.90 -5.62
N GLY A 211 7.12 -7.89 -5.79
CA GLY A 211 6.30 -6.71 -5.49
C GLY A 211 5.52 -6.85 -4.19
N PHE A 212 4.42 -6.11 -4.10
CA PHE A 212 3.59 -6.01 -2.90
C PHE A 212 2.27 -5.47 -3.40
N ASP A 213 1.15 -6.04 -2.91
CA ASP A 213 -0.26 -5.65 -3.20
C ASP A 213 -1.11 -6.72 -3.89
N ASN A 214 -0.48 -7.56 -4.71
CA ASN A 214 -1.16 -8.59 -5.49
C ASN A 214 -2.21 -8.01 -6.45
N SER A 215 -1.77 -7.09 -7.31
CA SER A 215 -2.61 -6.53 -8.35
C SER A 215 -2.98 -7.64 -9.32
N GLU A 216 -4.17 -7.54 -9.91
CA GLU A 216 -4.60 -8.56 -10.86
C GLU A 216 -3.82 -8.50 -12.18
N LEU A 217 -3.31 -7.32 -12.54
CA LEU A 217 -2.42 -7.21 -13.71
C LEU A 217 -1.15 -8.03 -13.51
N GLY A 218 -0.60 -8.00 -12.29
CA GLY A 218 0.58 -8.79 -11.93
C GLY A 218 0.39 -10.29 -12.08
N ALA A 219 -0.85 -10.74 -11.92
CA ALA A 219 -1.22 -12.15 -12.11
C ALA A 219 -1.23 -12.61 -13.58
N PHE A 220 -1.37 -11.67 -14.51
CA PHE A 220 -1.54 -12.00 -15.93
C PHE A 220 -0.36 -11.58 -16.81
N VAL A 221 0.58 -10.85 -16.19
CA VAL A 221 1.76 -10.34 -16.89
C VAL A 221 2.76 -11.49 -17.13
N GLN A 222 3.74 -11.27 -18.02
CA GLN A 222 4.68 -12.32 -18.42
C GLN A 222 6.13 -12.00 -18.03
N PRO A 223 6.69 -12.76 -17.06
CA PRO A 223 6.09 -13.83 -16.26
C PRO A 223 5.33 -13.28 -15.04
N ARG A 224 4.61 -14.16 -14.33
CA ARG A 224 3.76 -13.76 -13.20
C ARG A 224 4.57 -13.07 -12.10
N LEU A 225 4.11 -11.89 -11.71
CA LEU A 225 4.80 -11.08 -10.72
C LEU A 225 4.63 -11.66 -9.32
N ALA A 226 5.73 -12.18 -8.77
CA ALA A 226 5.81 -12.63 -7.37
C ALA A 226 5.54 -11.43 -6.47
N THR A 227 4.75 -11.64 -5.42
CA THR A 227 4.17 -10.51 -4.71
C THR A 227 3.70 -10.88 -3.31
N ILE A 228 3.35 -9.85 -2.53
CA ILE A 228 2.78 -10.03 -1.21
C ILE A 228 1.29 -9.70 -1.26
N ALA A 229 0.47 -10.69 -0.91
CA ALA A 229 -0.97 -10.59 -1.03
C ALA A 229 -1.64 -10.42 0.30
N TYR A 230 -2.77 -9.73 0.28
CA TYR A 230 -3.65 -9.59 1.44
C TYR A 230 -5.08 -9.45 0.90
N SER A 231 -6.07 -9.63 1.76
CA SER A 231 -7.46 -9.43 1.34
C SER A 231 -7.79 -7.94 1.31
N LYS A 232 -7.93 -7.38 0.11
CA LYS A 232 -8.30 -5.97 -0.05
C LYS A 232 -9.77 -5.73 0.31
N HIS A 233 -10.63 -6.70 0.01
CA HIS A 233 -12.05 -6.64 0.36
CA HIS A 233 -12.05 -6.61 0.35
C HIS A 233 -12.24 -6.51 1.87
N ARG A 234 -11.48 -7.30 2.62
CA ARG A 234 -11.59 -7.31 4.08
CA ARG A 234 -11.59 -7.31 4.08
C ARG A 234 -10.99 -6.06 4.70
N TRP A 235 -9.91 -5.55 4.10
CA TRP A 235 -9.31 -4.28 4.53
C TRP A 235 -10.39 -3.19 4.51
N GLY A 236 -11.11 -3.09 3.40
CA GLY A 236 -12.26 -2.19 3.27
C GLY A 236 -13.45 -2.49 4.17
N MET A 237 -13.76 -3.78 4.36
CA MET A 237 -14.86 -4.22 5.20
C MET A 237 -14.62 -3.85 6.67
N VAL A 238 -13.42 -4.15 7.16
CA VAL A 238 -13.00 -3.86 8.53
C VAL A 238 -12.91 -2.34 8.77
N ALA A 239 -12.46 -1.60 7.75
CA ALA A 239 -12.41 -0.12 7.85
C ALA A 239 -13.81 0.48 7.96
N ALA A 240 -14.74 -0.05 7.17
CA ALA A 240 -16.15 0.35 7.21
C ALA A 240 -16.83 0.05 8.55
N GLU A 241 -16.56 -1.12 9.13
CA GLU A 241 -17.17 -1.49 10.42
C GLU A 241 -16.55 -0.69 11.55
N LYS A 242 -15.28 -0.32 11.39
CA LYS A 242 -14.55 0.45 12.39
C LYS A 242 -15.03 1.89 12.47
N ILE A 243 -15.38 2.47 11.31
CA ILE A 243 -15.85 3.86 11.28
C ILE A 243 -17.27 3.98 11.84
N ILE A 244 -18.12 2.99 11.58
CA ILE A 244 -19.45 2.94 12.16
C ILE A 244 -19.36 2.82 13.68
N HIS A 245 -18.67 1.78 14.17
CA HIS A 245 -18.49 1.53 15.60
C HIS A 245 -17.88 2.72 16.32
N LEU A 246 -16.90 3.36 15.70
CA LEU A 246 -16.20 4.51 16.28
C LEU A 246 -17.11 5.74 16.43
N MET A 247 -17.95 5.99 15.43
CA MET A 247 -18.82 7.16 15.47
C MET A 247 -20.09 6.94 16.30
N ARG A 248 -20.34 5.68 16.64
CA ARG A 248 -21.44 5.28 17.52
CA ARG A 248 -21.45 5.34 17.53
C ARG A 248 -20.96 5.12 18.96
N GLY A 249 -19.74 5.60 19.23
CA GLY A 249 -19.15 5.57 20.57
C GLY A 249 -18.65 4.22 21.05
N GLU A 250 -18.83 3.20 20.22
CA GLU A 250 -18.56 1.81 20.62
C GLU A 250 -17.08 1.44 20.63
N ALA A 251 -16.81 0.19 21.04
CA ALA A 251 -15.46 -0.35 21.04
C ALA A 251 -15.05 -0.71 19.61
N ALA A 252 -14.05 0.02 19.12
CA ALA A 252 -13.57 -0.12 17.76
C ALA A 252 -12.05 -0.17 17.78
N GLU A 253 -11.50 -1.30 18.21
CA GLU A 253 -10.04 -1.42 18.37
C GLU A 253 -9.30 -1.43 17.04
N SER A 254 -8.15 -0.78 17.01
CA SER A 254 -7.27 -0.77 15.83
C SER A 254 -6.79 -2.18 15.49
N GLU A 255 -6.70 -2.46 14.19
CA GLU A 255 -6.42 -3.80 13.70
C GLU A 255 -5.38 -3.81 12.59
N HIS A 256 -4.84 -4.99 12.29
CA HIS A 256 -3.95 -5.17 11.17
C HIS A 256 -4.55 -6.13 10.16
N ILE A 257 -4.12 -5.98 8.92
CA ILE A 257 -4.50 -6.86 7.82
C ILE A 257 -3.28 -7.69 7.46
N TYR A 258 -3.38 -9.01 7.57
CA TYR A 258 -2.22 -9.89 7.47
C TYR A 258 -1.97 -10.38 6.06
N THR A 259 -0.72 -10.74 5.78
CA THR A 259 -0.23 -10.95 4.42
C THR A 259 0.34 -12.35 4.19
N ARG A 260 0.53 -12.69 2.91
CA ARG A 260 1.18 -13.92 2.49
C ARG A 260 1.96 -13.68 1.19
N PHE A 261 3.05 -14.43 1.02
CA PHE A 261 3.82 -14.38 -0.22
C PHE A 261 3.16 -15.26 -1.28
N ILE A 262 3.09 -14.74 -2.51
CA ILE A 262 2.56 -15.51 -3.63
C ILE A 262 3.66 -15.63 -4.67
N GLU A 263 4.06 -16.88 -4.94
CA GLU A 263 5.20 -17.14 -5.82
C GLU A 263 4.89 -16.83 -7.28
N GLY A 264 5.92 -16.41 -7.99
CA GLY A 264 5.81 -16.06 -9.39
C GLY A 264 7.12 -16.24 -10.10
N GLU A 265 7.05 -16.53 -11.40
CA GLU A 265 8.23 -16.81 -12.20
CA GLU A 265 8.21 -16.81 -12.22
C GLU A 265 9.11 -15.59 -12.46
N SER A 266 8.70 -14.43 -11.92
CA SER A 266 9.53 -13.21 -11.94
C SER A 266 10.65 -13.31 -10.90
N PHE A 267 10.45 -14.17 -9.91
CA PHE A 267 11.47 -14.49 -8.94
C PHE A 267 11.49 -16.01 -8.74
N PRO A 268 12.31 -16.72 -9.54
CA PRO A 268 12.43 -18.17 -9.38
C PRO A 268 13.06 -18.52 -8.03
N SER A 269 12.25 -19.16 -7.18
CA SER A 269 12.65 -19.48 -5.81
C SER A 269 12.25 -20.90 -5.42
S SO4 B . -12.25 7.65 21.35
O1 SO4 B . -12.34 8.63 22.41
O2 SO4 B . -12.95 8.16 20.18
O3 SO4 B . -10.85 7.41 21.02
O4 SO4 B . -12.87 6.40 21.77
S SO4 C . -4.45 -7.16 15.40
O1 SO4 C . -3.74 -8.42 15.35
O2 SO4 C . -5.32 -7.11 16.58
O3 SO4 C . -3.52 -6.03 15.46
O4 SO4 C . -5.25 -7.08 14.19
S SO4 D . -9.39 -9.68 -2.52
O1 SO4 D . -10.19 -10.86 -2.83
O2 SO4 D . -9.75 -9.20 -1.20
O3 SO4 D . -7.97 -10.05 -2.53
O4 SO4 D . -9.63 -8.64 -3.51
S SO4 E . -11.70 1.10 21.57
O1 SO4 E . -10.45 0.95 20.82
O2 SO4 E . -12.72 1.72 20.71
O3 SO4 E . -12.18 -0.21 22.01
O4 SO4 E . -11.46 1.95 22.73
C1 GOL F . 1.03 0.71 -1.71
O1 GOL F . 0.51 0.64 -3.02
C2 GOL F . 0.13 -0.13 -0.79
O2 GOL F . 0.84 -1.21 -0.23
C3 GOL F . -0.52 0.74 0.28
O3 GOL F . 0.41 1.68 0.79
#